data_1G2L
#
_entry.id   1G2L
#
_cell.length_a   56.160
_cell.length_b   72.660
_cell.length_c   76.680
_cell.angle_alpha   90.00
_cell.angle_beta   90.00
_cell.angle_gamma   90.00
#
_symmetry.space_group_name_H-M   'P 21 21 21'
#
loop_
_entity.id
_entity.type
_entity.pdbx_description
1 polymer 'COAGULATION FACTOR X'
2 polymer 'COAGULATION FACTOR X'
3 non-polymer 'CALCIUM ION'
4 non-polymer '[(1-{2[(4-CARBAMIMIDOYL-PHENYLAMINO)-METHYL]-1-METHYL-1H-BENZOIMIDAZOL-5-YL}-CYCLOPROPYL)-PYRIDIN-2-YL-METHYLENEAMINOOXY]-ACETIC ACID ETHYL ESTER'
5 water water
#
loop_
_entity_poly.entity_id
_entity_poly.type
_entity_poly.pdbx_seq_one_letter_code
_entity_poly.pdbx_strand_id
1 'polypeptide(L)'
;IVGGQECKDGECPWQALLINEENEGFCGGTILSEFYILTAAHCLYQAKRFKVRVGDRNTEQEEGGEAVHEVEVVIKHNRF
TKETYDFDIAVLRLKTPITFRMNVAPACLPERDWAESTLMTQKTGIVSGFGRTHEKGRQSTRLKMLEVPYVDRNSCKLSS
SFIITQNMFCAGYDTKQEDACQGDSGGPHVTRFKDTYFVTGIVSWGEGCARKGKYGIYTKVTAFLKWIDRSMKTR
;
A
2 'polypeptide(L)'
;DGDQCETSPCQNQGKCKDGLGEYTCTCLEGFEGKNCELFTRKLCSLDNGDCDQFCHEEQNSVVCSCARGYTLADNGKACI
PTGPYPCGKQTLER
;
B
#
# COMPACT_ATOMS: atom_id res chain seq x y z
N ILE A 1 7.12 -5.85 -10.83
CA ILE A 1 5.77 -6.37 -11.16
C ILE A 1 5.83 -7.20 -12.44
N VAL A 2 5.47 -8.48 -12.33
CA VAL A 2 5.45 -9.38 -13.47
C VAL A 2 4.05 -9.29 -14.04
N GLY A 3 3.92 -8.94 -15.31
CA GLY A 3 2.62 -8.81 -15.91
C GLY A 3 2.05 -7.45 -15.53
N GLY A 4 0.73 -7.35 -15.41
CA GLY A 4 0.14 -6.09 -15.03
C GLY A 4 0.25 -5.03 -16.11
N GLN A 5 0.06 -3.77 -15.71
CA GLN A 5 0.11 -2.67 -16.65
C GLN A 5 0.90 -1.49 -16.11
N GLU A 6 1.23 -0.57 -17.00
CA GLU A 6 1.97 0.61 -16.62
C GLU A 6 1.03 1.57 -15.90
N CYS A 7 1.49 2.16 -14.80
CA CYS A 7 0.65 3.14 -14.10
C CYS A 7 0.62 4.36 -15.00
N LYS A 8 -0.57 4.72 -15.47
CA LYS A 8 -0.66 5.89 -16.32
C LYS A 8 -0.64 7.13 -15.44
N ASP A 9 -0.57 8.30 -16.07
CA ASP A 9 -0.49 9.56 -15.34
C ASP A 9 -1.56 9.66 -14.25
N GLY A 10 -1.09 9.82 -13.00
CA GLY A 10 -1.99 9.96 -11.87
C GLY A 10 -2.67 8.72 -11.31
N GLU A 11 -2.43 7.55 -11.90
CA GLU A 11 -3.07 6.32 -11.41
C GLU A 11 -2.52 5.71 -10.13
N CYS A 12 -1.24 5.94 -9.84
CA CYS A 12 -0.60 5.37 -8.65
C CYS A 12 0.20 6.48 -7.96
N PRO A 13 -0.48 7.55 -7.54
CA PRO A 13 0.18 8.69 -6.89
C PRO A 13 0.78 8.49 -5.51
N TRP A 14 0.38 7.41 -4.82
CA TRP A 14 0.86 7.12 -3.47
C TRP A 14 2.13 6.28 -3.47
N GLN A 15 2.60 5.91 -4.66
CA GLN A 15 3.81 5.12 -4.78
C GLN A 15 5.05 5.94 -4.48
N ALA A 16 5.91 5.40 -3.65
CA ALA A 16 7.16 6.04 -3.30
C ALA A 16 8.26 5.06 -3.70
N LEU A 17 9.46 5.57 -3.94
CA LEU A 17 10.58 4.71 -4.32
C LEU A 17 11.76 5.02 -3.42
N LEU A 18 12.29 3.99 -2.77
CA LEU A 18 13.44 4.17 -1.91
C LEU A 18 14.66 4.09 -2.83
N ILE A 19 15.52 5.10 -2.77
CA ILE A 19 16.69 5.14 -3.63
C ILE A 19 18.00 5.18 -2.83
N ASN A 20 18.96 4.37 -3.24
CA ASN A 20 20.26 4.30 -2.57
C ASN A 20 21.20 5.45 -2.88
N GLU A 21 22.42 5.35 -2.38
CA GLU A 21 23.45 6.36 -2.58
C GLU A 21 23.66 6.66 -4.07
N GLU A 22 23.55 5.61 -4.89
CA GLU A 22 23.72 5.76 -6.32
C GLU A 22 22.43 6.23 -6.98
N ASN A 23 21.47 6.64 -6.15
CA ASN A 23 20.18 7.11 -6.64
C ASN A 23 19.40 6.08 -7.44
N GLU A 24 19.57 4.81 -7.11
CA GLU A 24 18.85 3.74 -7.80
C GLU A 24 17.80 3.19 -6.84
N GLY A 25 16.61 2.93 -7.35
CA GLY A 25 15.55 2.40 -6.53
C GLY A 25 15.79 0.94 -6.19
N PHE A 26 15.53 0.56 -4.94
CA PHE A 26 15.72 -0.82 -4.53
C PHE A 26 14.49 -1.40 -3.82
N CYS A 27 13.56 -0.51 -3.45
CA CYS A 27 12.33 -0.91 -2.78
C CYS A 27 11.27 0.16 -2.97
N GLY A 28 10.01 -0.21 -2.74
CA GLY A 28 8.93 0.73 -2.86
C GLY A 28 8.52 1.23 -1.48
N GLY A 29 7.50 2.07 -1.46
CA GLY A 29 6.97 2.61 -0.22
C GLY A 29 5.61 3.18 -0.56
N THR A 30 4.81 3.51 0.46
CA THR A 30 3.51 4.11 0.23
C THR A 30 3.44 5.43 0.99
N ILE A 31 3.01 6.48 0.30
CA ILE A 31 2.87 7.79 0.94
C ILE A 31 1.63 7.72 1.82
N LEU A 32 1.78 8.09 3.09
CA LEU A 32 0.65 8.10 4.03
C LEU A 32 0.23 9.52 4.39
N SER A 33 1.17 10.45 4.31
CA SER A 33 0.89 11.85 4.63
C SER A 33 2.05 12.65 4.09
N GLU A 34 2.02 13.96 4.28
CA GLU A 34 3.09 14.80 3.77
C GLU A 34 4.45 14.44 4.38
N PHE A 35 4.44 13.92 5.61
CA PHE A 35 5.68 13.55 6.29
C PHE A 35 5.99 12.07 6.46
N TYR A 36 5.04 11.19 6.22
CA TYR A 36 5.30 9.76 6.44
C TYR A 36 5.19 8.82 5.26
N ILE A 37 6.09 7.83 5.25
CA ILE A 37 6.13 6.82 4.22
C ILE A 37 6.04 5.46 4.90
N LEU A 38 5.28 4.54 4.30
CA LEU A 38 5.13 3.19 4.83
C LEU A 38 5.97 2.28 3.96
N THR A 39 6.73 1.37 4.56
CA THR A 39 7.55 0.45 3.78
C THR A 39 7.80 -0.85 4.53
N ALA A 40 8.63 -1.73 3.97
CA ALA A 40 8.94 -2.99 4.61
C ALA A 40 10.19 -2.89 5.46
N ALA A 41 10.14 -3.46 6.65
CA ALA A 41 11.29 -3.42 7.55
C ALA A 41 12.52 -4.00 6.85
N HIS A 42 12.35 -5.10 6.13
CA HIS A 42 13.50 -5.73 5.48
C HIS A 42 14.20 -4.85 4.45
N CYS A 43 13.49 -3.88 3.88
CA CYS A 43 14.09 -2.99 2.89
C CYS A 43 15.20 -2.12 3.46
N LEU A 44 15.18 -1.93 4.77
CA LEU A 44 16.16 -1.10 5.45
C LEU A 44 17.57 -1.71 5.42
N TYR A 45 17.67 -2.96 5.00
CA TYR A 45 18.98 -3.63 4.93
C TYR A 45 19.55 -3.57 3.53
N GLN A 46 18.72 -3.18 2.56
CA GLN A 46 19.16 -3.10 1.18
C GLN A 46 20.05 -1.90 0.90
N ALA A 47 20.23 -1.05 1.91
CA ALA A 47 21.07 0.13 1.76
C ALA A 47 21.44 0.73 3.12
N LYS A 48 22.65 1.26 3.21
CA LYS A 48 23.12 1.88 4.44
C LYS A 48 22.34 3.17 4.63
N ARG A 49 22.43 4.03 3.63
CA ARG A 49 21.73 5.31 3.64
C ARG A 49 20.88 5.38 2.38
N PHE A 50 19.69 5.96 2.50
CA PHE A 50 18.79 6.06 1.35
C PHE A 50 17.85 7.25 1.46
N LYS A 51 17.27 7.64 0.34
CA LYS A 51 16.33 8.75 0.30
C LYS A 51 15.02 8.27 -0.32
N VAL A 52 14.01 9.13 -0.31
CA VAL A 52 12.72 8.76 -0.87
C VAL A 52 12.35 9.63 -2.04
N ARG A 53 12.01 9.01 -3.15
CA ARG A 53 11.61 9.75 -4.33
C ARG A 53 10.12 9.54 -4.59
N VAL A 54 9.39 10.63 -4.78
CA VAL A 54 7.97 10.54 -5.06
C VAL A 54 7.68 11.18 -6.41
N GLY A 55 6.52 10.83 -6.97
CA GLY A 55 6.12 11.39 -8.25
C GLY A 55 6.79 10.80 -9.47
N ASP A 56 7.69 9.83 -9.27
CA ASP A 56 8.37 9.23 -10.40
C ASP A 56 7.56 8.10 -11.03
N ARG A 57 7.63 8.01 -12.35
CA ARG A 57 6.92 6.98 -13.09
C ARG A 57 7.88 6.28 -14.06
N ASN A 58 8.94 6.98 -14.42
CA ASN A 58 9.94 6.43 -15.35
C ASN A 58 11.33 6.81 -14.86
N THR A 59 11.97 5.90 -14.15
CA THR A 59 13.30 6.14 -13.60
C THR A 59 14.33 6.61 -14.62
N GLU A 60 14.09 6.37 -15.90
CA GLU A 60 15.02 6.76 -16.94
C GLU A 60 15.16 8.28 -17.10
N GLN A 61 14.15 8.91 -17.69
CA GLN A 61 14.19 10.35 -17.92
C GLN A 61 13.44 11.20 -16.90
N GLU A 62 14.19 11.99 -16.14
CA GLU A 62 13.62 12.88 -15.13
C GLU A 62 12.75 13.92 -15.83
N GLU A 63 11.47 13.97 -15.48
CA GLU A 63 10.54 14.90 -16.11
C GLU A 63 10.11 16.09 -15.27
N GLY A 64 10.83 16.37 -14.19
CA GLY A 64 10.50 17.50 -13.34
C GLY A 64 9.40 17.25 -12.31
N GLY A 65 8.60 16.21 -12.53
CA GLY A 65 7.53 15.92 -11.59
C GLY A 65 8.05 15.25 -10.33
N GLU A 66 9.21 14.61 -10.42
CA GLU A 66 9.81 13.93 -9.29
C GLU A 66 10.20 14.90 -8.17
N ALA A 67 10.50 14.32 -7.01
CA ALA A 67 10.91 15.07 -5.84
C ALA A 67 11.61 14.10 -4.91
N VAL A 68 12.78 14.49 -4.41
CA VAL A 68 13.54 13.64 -3.51
C VAL A 68 13.44 14.17 -2.09
N HIS A 69 13.24 13.26 -1.13
CA HIS A 69 13.12 13.64 0.27
C HIS A 69 14.05 12.83 1.15
N GLU A 70 14.77 13.51 2.04
CA GLU A 70 15.66 12.84 2.96
C GLU A 70 14.82 12.29 4.08
N VAL A 71 15.33 11.24 4.72
CA VAL A 71 14.63 10.61 5.83
C VAL A 71 15.15 11.19 7.13
N GLU A 72 14.25 11.62 8.01
CA GLU A 72 14.66 12.18 9.28
C GLU A 72 14.66 11.10 10.36
N VAL A 73 13.59 10.30 10.36
CA VAL A 73 13.48 9.23 11.35
C VAL A 73 13.01 7.94 10.71
N VAL A 74 13.67 6.85 11.07
CA VAL A 74 13.31 5.52 10.57
C VAL A 74 12.71 4.76 11.76
N ILE A 75 11.49 4.29 11.61
CA ILE A 75 10.82 3.56 12.67
C ILE A 75 10.57 2.12 12.21
N LYS A 76 11.43 1.22 12.65
CA LYS A 76 11.35 -0.17 12.27
C LYS A 76 10.73 -1.02 13.38
N HIS A 77 9.79 -1.88 13.01
CA HIS A 77 9.14 -2.72 14.00
C HIS A 77 10.17 -3.59 14.69
N ASN A 78 10.28 -3.43 16.00
CA ASN A 78 11.26 -4.16 16.81
C ASN A 78 11.15 -5.68 16.75
N ARG A 79 10.02 -6.19 16.27
CA ARG A 79 9.82 -7.63 16.20
C ARG A 79 10.16 -8.25 14.85
N PHE A 80 10.52 -7.43 13.87
CA PHE A 80 10.84 -7.99 12.57
C PHE A 80 12.07 -8.90 12.68
N THR A 81 12.03 -10.00 11.95
CA THR A 81 13.15 -10.92 11.95
C THR A 81 13.21 -11.66 10.62
N LYS A 82 14.40 -11.74 10.05
CA LYS A 82 14.56 -12.42 8.77
C LYS A 82 14.33 -13.91 8.91
N GLU A 83 14.29 -14.41 10.15
CA GLU A 83 14.06 -15.83 10.36
C GLU A 83 12.69 -16.24 9.85
N THR A 84 11.69 -15.38 10.06
CA THR A 84 10.33 -15.66 9.64
C THR A 84 9.75 -14.58 8.73
N TYR A 85 10.38 -13.41 8.75
CA TYR A 85 9.94 -12.24 8.00
C TYR A 85 8.61 -11.73 8.52
N ASP A 86 8.31 -12.11 9.75
CA ASP A 86 7.07 -11.65 10.38
C ASP A 86 7.34 -10.20 10.77
N PHE A 87 6.28 -9.43 10.96
CA PHE A 87 6.39 -8.02 11.34
C PHE A 87 7.23 -7.23 10.33
N ASP A 88 7.04 -7.52 9.05
CA ASP A 88 7.81 -6.84 8.02
C ASP A 88 7.21 -5.47 7.70
N ILE A 89 7.45 -4.51 8.59
CA ILE A 89 6.90 -3.18 8.43
C ILE A 89 7.74 -2.06 9.05
N ALA A 90 7.74 -0.91 8.40
CA ALA A 90 8.48 0.24 8.89
C ALA A 90 7.84 1.52 8.43
N VAL A 91 8.04 2.58 9.21
CA VAL A 91 7.51 3.89 8.85
C VAL A 91 8.66 4.88 8.84
N LEU A 92 8.70 5.71 7.80
CA LEU A 92 9.76 6.71 7.68
C LEU A 92 9.19 8.12 7.79
N ARG A 93 9.85 8.97 8.58
CA ARG A 93 9.42 10.35 8.68
C ARG A 93 10.42 11.15 7.87
N LEU A 94 9.94 11.93 6.90
CA LEU A 94 10.81 12.74 6.04
C LEU A 94 11.24 14.03 6.71
N LYS A 95 12.36 14.59 6.25
CA LYS A 95 12.85 15.85 6.80
C LYS A 95 12.04 17.02 6.27
N THR A 96 11.53 16.88 5.05
CA THR A 96 10.72 17.95 4.46
C THR A 96 9.40 17.34 4.00
N PRO A 97 8.31 18.13 4.08
CA PRO A 97 6.99 17.64 3.67
C PRO A 97 6.84 17.46 2.18
N ILE A 98 6.13 16.41 1.79
CA ILE A 98 5.87 16.12 0.39
C ILE A 98 4.84 17.11 -0.14
N THR A 99 5.05 17.59 -1.36
CA THR A 99 4.12 18.51 -1.99
C THR A 99 3.21 17.66 -2.88
N PHE A 100 1.96 17.50 -2.47
CA PHE A 100 1.04 16.70 -3.27
C PHE A 100 0.74 17.42 -4.58
N ARG A 101 0.56 16.64 -5.64
CA ARG A 101 0.31 17.19 -6.95
C ARG A 101 0.04 16.02 -7.88
N MET A 102 0.08 16.28 -9.18
CA MET A 102 -0.13 15.22 -10.16
C MET A 102 0.86 14.10 -9.88
N ASN A 103 0.36 12.89 -9.64
CA ASN A 103 1.20 11.74 -9.37
C ASN A 103 1.82 11.68 -7.98
N VAL A 104 1.38 12.56 -7.10
CA VAL A 104 1.90 12.58 -5.73
C VAL A 104 0.76 12.84 -4.75
N ALA A 105 0.29 11.78 -4.11
CA ALA A 105 -0.80 11.89 -3.15
C ALA A 105 -0.80 10.69 -2.24
N PRO A 106 -1.26 10.88 -0.99
CA PRO A 106 -1.29 9.76 -0.05
C PRO A 106 -2.43 8.78 -0.26
N ALA A 107 -2.20 7.55 0.18
CA ALA A 107 -3.23 6.52 0.12
C ALA A 107 -3.87 6.61 1.50
N CYS A 108 -5.15 6.27 1.60
CA CYS A 108 -5.81 6.35 2.90
C CYS A 108 -5.53 5.18 3.82
N LEU A 109 -5.45 5.47 5.11
CA LEU A 109 -5.26 4.42 6.10
C LEU A 109 -6.69 4.13 6.53
N PRO A 110 -7.09 2.85 6.50
CA PRO A 110 -8.45 2.51 6.90
C PRO A 110 -8.55 2.22 8.39
N GLU A 111 -9.76 2.00 8.88
CA GLU A 111 -9.95 1.65 10.28
C GLU A 111 -9.91 0.14 10.27
N ARG A 112 -9.35 -0.45 11.32
CA ARG A 112 -9.18 -1.90 11.43
C ARG A 112 -10.39 -2.78 11.13
N ASP A 113 -11.44 -2.69 11.94
CA ASP A 113 -12.61 -3.54 11.72
C ASP A 113 -13.24 -3.36 10.36
N TRP A 114 -13.42 -2.11 9.94
CA TRP A 114 -14.02 -1.84 8.65
C TRP A 114 -13.15 -2.41 7.53
N ALA A 115 -11.84 -2.23 7.64
CA ALA A 115 -10.93 -2.73 6.63
C ALA A 115 -11.05 -4.24 6.51
N GLU A 116 -11.09 -4.92 7.65
CA GLU A 116 -11.18 -6.38 7.64
C GLU A 116 -12.49 -6.90 7.05
N SER A 117 -13.60 -6.24 7.37
CA SER A 117 -14.91 -6.68 6.87
C SER A 117 -15.28 -6.15 5.49
N THR A 118 -14.75 -4.98 5.12
CA THR A 118 -15.09 -4.37 3.84
C THR A 118 -13.98 -4.38 2.80
N LEU A 119 -12.75 -4.17 3.22
CA LEU A 119 -11.63 -4.14 2.28
C LEU A 119 -11.03 -5.53 2.02
N MET A 120 -10.63 -6.20 3.09
CA MET A 120 -10.01 -7.52 2.98
C MET A 120 -10.92 -8.56 2.34
N THR A 121 -12.21 -8.28 2.29
CA THR A 121 -13.19 -9.21 1.72
C THR A 121 -13.44 -8.95 0.24
N GLN A 122 -12.89 -7.87 -0.29
CA GLN A 122 -13.04 -7.53 -1.70
C GLN A 122 -12.43 -8.66 -2.51
N LYS A 123 -12.80 -8.75 -3.78
CA LYS A 123 -12.25 -9.79 -4.63
C LYS A 123 -10.79 -9.54 -4.95
N THR A 124 -10.42 -8.27 -5.14
CA THR A 124 -9.05 -7.93 -5.50
C THR A 124 -8.47 -6.67 -4.87
N GLY A 125 -7.15 -6.55 -5.01
CA GLY A 125 -6.42 -5.40 -4.52
C GLY A 125 -5.47 -5.03 -5.65
N ILE A 126 -4.72 -3.95 -5.49
CA ILE A 126 -3.77 -3.52 -6.53
C ILE A 126 -2.40 -3.35 -5.92
N VAL A 127 -1.39 -3.95 -6.55
CA VAL A 127 -0.02 -3.81 -6.06
C VAL A 127 0.73 -3.06 -7.14
N SER A 128 1.74 -2.28 -6.78
CA SER A 128 2.48 -1.54 -7.78
C SER A 128 3.94 -1.41 -7.40
N GLY A 129 4.79 -1.08 -8.37
CA GLY A 129 6.20 -0.93 -8.06
C GLY A 129 7.10 -0.90 -9.28
N PHE A 130 8.38 -0.60 -9.05
CA PHE A 130 9.39 -0.55 -10.09
C PHE A 130 10.24 -1.82 -10.06
N GLY A 131 9.77 -2.84 -9.36
CA GLY A 131 10.50 -4.08 -9.26
C GLY A 131 10.68 -4.83 -10.56
N ARG A 132 11.30 -6.00 -10.48
CA ARG A 132 11.55 -6.84 -11.64
C ARG A 132 10.26 -7.23 -12.35
N THR A 133 10.32 -7.32 -13.67
CA THR A 133 9.16 -7.68 -14.47
C THR A 133 9.20 -9.16 -14.81
N HIS A 134 10.26 -9.83 -14.35
CA HIS A 134 10.45 -11.26 -14.52
C HIS A 134 11.28 -11.72 -13.34
N GLU A 135 11.05 -12.94 -12.86
CA GLU A 135 11.80 -13.43 -11.70
C GLU A 135 13.27 -13.13 -11.89
N LYS A 136 13.77 -13.30 -13.11
CA LYS A 136 15.16 -13.02 -13.42
C LYS A 136 15.22 -11.84 -14.38
N GLY A 137 15.70 -10.70 -13.88
CA GLY A 137 15.78 -9.52 -14.71
C GLY A 137 16.18 -8.28 -13.94
N ARG A 138 16.21 -7.15 -14.65
CA ARG A 138 16.57 -5.87 -14.05
C ARG A 138 15.29 -5.21 -13.55
N GLN A 139 15.43 -4.22 -12.68
CA GLN A 139 14.28 -3.51 -12.15
C GLN A 139 13.63 -2.66 -13.23
N SER A 140 12.30 -2.62 -13.21
CA SER A 140 11.54 -1.84 -14.18
C SER A 140 11.90 -0.37 -14.08
N THR A 141 12.02 0.30 -15.22
CA THR A 141 12.34 1.72 -15.23
C THR A 141 11.00 2.47 -15.18
N ARG A 142 9.92 1.74 -15.42
CA ARG A 142 8.58 2.32 -15.41
C ARG A 142 7.73 1.74 -14.29
N LEU A 143 6.94 2.60 -13.66
CA LEU A 143 6.07 2.16 -12.58
C LEU A 143 4.91 1.36 -13.14
N LYS A 144 4.72 0.16 -12.61
CA LYS A 144 3.65 -0.72 -13.04
C LYS A 144 2.68 -1.00 -11.90
N MET A 145 1.47 -1.43 -12.25
CA MET A 145 0.45 -1.79 -11.28
C MET A 145 -0.12 -3.13 -11.72
N LEU A 146 -0.72 -3.85 -10.80
CA LEU A 146 -1.27 -5.16 -11.10
C LEU A 146 -2.44 -5.46 -10.17
N GLU A 147 -3.56 -5.89 -10.75
CA GLU A 147 -4.72 -6.26 -9.97
C GLU A 147 -4.44 -7.68 -9.46
N VAL A 148 -4.51 -7.88 -8.15
CA VAL A 148 -4.26 -9.19 -7.57
C VAL A 148 -5.40 -9.64 -6.67
N PRO A 149 -5.93 -10.85 -6.93
CA PRO A 149 -7.02 -11.37 -6.12
C PRO A 149 -6.55 -11.69 -4.70
N TYR A 150 -7.43 -11.46 -3.73
CA TYR A 150 -7.10 -11.79 -2.35
C TYR A 150 -7.17 -13.31 -2.34
N VAL A 151 -6.24 -13.96 -1.64
CA VAL A 151 -6.23 -15.41 -1.58
C VAL A 151 -6.63 -15.85 -0.17
N ASP A 152 -7.62 -16.72 -0.08
CA ASP A 152 -8.08 -17.19 1.23
C ASP A 152 -6.88 -17.79 1.97
N ARG A 153 -6.79 -17.50 3.26
CA ARG A 153 -5.69 -17.97 4.10
C ARG A 153 -5.41 -19.46 4.05
N ASN A 154 -6.46 -20.27 3.89
CA ASN A 154 -6.28 -21.72 3.83
C ASN A 154 -5.39 -22.10 2.65
N SER A 155 -5.82 -21.72 1.44
CA SER A 155 -5.04 -22.03 0.25
C SER A 155 -3.62 -21.48 0.41
N CYS A 156 -3.55 -20.29 0.98
CA CYS A 156 -2.29 -19.60 1.21
C CYS A 156 -1.28 -20.47 1.97
N LYS A 157 -1.67 -20.89 3.17
CA LYS A 157 -0.79 -21.71 4.00
C LYS A 157 -0.40 -23.03 3.35
N LEU A 158 -1.36 -23.68 2.70
CA LEU A 158 -1.08 -24.95 2.04
C LEU A 158 -0.09 -24.79 0.90
N SER A 159 -0.17 -23.67 0.19
CA SER A 159 0.70 -23.40 -0.94
C SER A 159 2.09 -22.95 -0.55
N SER A 160 2.23 -22.46 0.67
CA SER A 160 3.52 -21.96 1.14
C SER A 160 4.42 -22.96 1.83
N SER A 161 5.71 -22.85 1.56
CA SER A 161 6.71 -23.73 2.17
C SER A 161 7.14 -23.12 3.50
N PHE A 162 6.76 -21.87 3.70
CA PHE A 162 7.10 -21.17 4.93
C PHE A 162 5.86 -20.72 5.69
N ILE A 163 6.01 -20.51 6.98
CA ILE A 163 4.90 -20.11 7.83
C ILE A 163 4.30 -18.76 7.46
N ILE A 164 2.98 -18.75 7.29
CA ILE A 164 2.25 -17.52 6.99
C ILE A 164 1.62 -17.11 8.31
N THR A 165 2.13 -16.06 8.93
CA THR A 165 1.61 -15.59 10.21
C THR A 165 0.31 -14.82 10.02
N GLN A 166 -0.30 -14.36 11.12
CA GLN A 166 -1.53 -13.59 11.01
C GLN A 166 -1.22 -12.15 10.64
N ASN A 167 0.07 -11.82 10.54
CA ASN A 167 0.51 -10.48 10.16
C ASN A 167 0.76 -10.42 8.65
N MET A 168 0.47 -11.53 7.97
CA MET A 168 0.68 -11.63 6.52
C MET A 168 -0.61 -12.08 5.82
N PHE A 169 -0.67 -11.84 4.52
CA PHE A 169 -1.80 -12.32 3.70
C PHE A 169 -1.28 -12.59 2.29
N CYS A 170 -1.98 -13.47 1.57
CA CYS A 170 -1.64 -13.86 0.20
C CYS A 170 -2.51 -13.13 -0.79
N ALA A 171 -1.96 -12.83 -1.96
CA ALA A 171 -2.69 -12.18 -3.02
C ALA A 171 -2.00 -12.58 -4.31
N GLY A 172 -2.76 -12.69 -5.39
CA GLY A 172 -2.14 -13.06 -6.64
C GLY A 172 -2.86 -14.21 -7.32
N TYR A 173 -2.18 -14.84 -8.27
CA TYR A 173 -2.76 -15.93 -9.02
C TYR A 173 -2.01 -17.24 -8.80
N ASP A 174 -2.75 -18.34 -8.91
CA ASP A 174 -2.21 -19.68 -8.75
C ASP A 174 -1.28 -19.97 -9.92
N THR A 175 -1.81 -19.87 -11.14
CA THR A 175 -1.04 -20.15 -12.34
C THR A 175 -0.75 -18.95 -13.24
N LYS A 176 -1.69 -18.01 -13.33
CA LYS A 176 -1.49 -16.85 -14.19
C LYS A 176 -0.16 -16.17 -13.85
N GLN A 177 0.60 -15.84 -14.87
CA GLN A 177 1.92 -15.24 -14.70
C GLN A 177 1.94 -13.76 -14.37
N GLU A 178 1.30 -13.39 -13.26
CA GLU A 178 1.27 -12.00 -12.80
C GLU A 178 1.52 -12.01 -11.29
N ASP A 179 2.41 -11.14 -10.82
CA ASP A 179 2.73 -11.11 -9.40
C ASP A 179 3.70 -9.96 -9.13
N ALA A 180 3.93 -9.65 -7.86
CA ALA A 180 4.88 -8.61 -7.52
C ALA A 180 6.21 -9.35 -7.56
N CYS A 181 7.33 -8.65 -7.42
CA CYS A 181 8.61 -9.33 -7.48
C CYS A 181 9.68 -8.56 -6.72
N GLN A 182 10.90 -9.08 -6.75
CA GLN A 182 12.02 -8.43 -6.08
C GLN A 182 12.07 -6.98 -6.54
N GLY A 183 12.21 -6.06 -5.60
CA GLY A 183 12.26 -4.66 -5.97
C GLY A 183 10.95 -3.97 -5.67
N ASP A 184 9.86 -4.73 -5.64
CA ASP A 184 8.55 -4.16 -5.34
C ASP A 184 8.35 -4.12 -3.84
N SER A 185 9.20 -4.84 -3.12
CA SER A 185 9.15 -4.91 -1.66
C SER A 185 8.97 -3.54 -1.02
N GLY A 186 8.11 -3.49 -0.01
CA GLY A 186 7.86 -2.24 0.69
C GLY A 186 6.81 -1.40 0.00
N GLY A 187 6.50 -1.78 -1.24
CA GLY A 187 5.53 -1.05 -2.03
C GLY A 187 4.07 -1.17 -1.59
N PRO A 188 3.18 -0.42 -2.23
CA PRO A 188 1.76 -0.43 -1.90
C PRO A 188 0.92 -1.57 -2.43
N HIS A 189 0.01 -2.01 -1.57
CA HIS A 189 -1.00 -2.98 -1.96
C HIS A 189 -2.18 -2.16 -1.47
N VAL A 190 -3.02 -1.72 -2.39
CA VAL A 190 -4.17 -0.91 -2.02
C VAL A 190 -5.46 -1.56 -2.47
N THR A 191 -6.54 -1.25 -1.77
CA THR A 191 -7.84 -1.81 -2.11
C THR A 191 -8.77 -0.64 -2.39
N ARG A 192 -9.47 -0.74 -3.50
CA ARG A 192 -10.39 0.30 -3.89
C ARG A 192 -11.77 0.05 -3.33
N PHE A 193 -12.40 1.12 -2.84
CA PHE A 193 -13.75 1.03 -2.33
C PHE A 193 -14.41 2.37 -2.66
N LYS A 194 -15.47 2.32 -3.47
CA LYS A 194 -16.17 3.54 -3.89
C LYS A 194 -15.21 4.63 -4.35
N ASP A 195 -14.35 4.27 -5.30
CA ASP A 195 -13.38 5.19 -5.88
C ASP A 195 -12.31 5.77 -4.96
N THR A 196 -12.16 5.17 -3.78
CA THR A 196 -11.14 5.63 -2.85
C THR A 196 -10.23 4.46 -2.56
N TYR A 197 -8.92 4.69 -2.63
CA TYR A 197 -7.96 3.62 -2.41
C TYR A 197 -7.36 3.65 -1.01
N PHE A 198 -7.43 2.51 -0.32
CA PHE A 198 -6.91 2.37 1.03
C PHE A 198 -5.71 1.43 1.07
N VAL A 199 -4.68 1.78 1.84
CA VAL A 199 -3.51 0.91 1.94
C VAL A 199 -3.94 -0.32 2.73
N THR A 200 -3.78 -1.49 2.13
CA THR A 200 -4.15 -2.74 2.79
C THR A 200 -2.97 -3.67 2.99
N GLY A 201 -1.87 -3.42 2.29
CA GLY A 201 -0.72 -4.29 2.44
C GLY A 201 0.60 -3.68 2.02
N ILE A 202 1.67 -4.35 2.40
CA ILE A 202 3.02 -3.93 2.04
C ILE A 202 3.64 -5.12 1.32
N VAL A 203 4.15 -4.92 0.11
CA VAL A 203 4.78 -6.03 -0.61
C VAL A 203 5.89 -6.54 0.33
N SER A 204 5.86 -7.83 0.66
CA SER A 204 6.85 -8.37 1.57
C SER A 204 7.78 -9.44 0.99
N TRP A 205 7.24 -10.57 0.59
CA TRP A 205 8.08 -11.62 0.02
C TRP A 205 7.30 -12.61 -0.81
N GLY A 206 8.00 -13.62 -1.30
CA GLY A 206 7.35 -14.64 -2.10
C GLY A 206 8.39 -15.67 -2.51
N GLU A 207 7.94 -16.86 -2.88
CA GLU A 207 8.84 -17.90 -3.31
C GLU A 207 8.95 -17.72 -4.83
N GLY A 208 9.96 -16.96 -5.25
CA GLY A 208 10.13 -16.67 -6.66
C GLY A 208 9.09 -15.64 -7.04
N CYS A 209 8.78 -15.50 -8.33
CA CYS A 209 7.79 -14.53 -8.77
C CYS A 209 6.84 -15.14 -9.79
N ALA A 210 5.53 -15.01 -9.53
CA ALA A 210 4.51 -15.53 -10.43
C ALA A 210 4.67 -17.04 -10.65
N ARG A 211 5.33 -17.69 -9.72
CA ARG A 211 5.57 -19.13 -9.78
C ARG A 211 4.27 -19.91 -9.57
N LYS A 212 4.03 -20.90 -10.41
CA LYS A 212 2.81 -21.71 -10.32
C LYS A 212 2.61 -22.32 -8.94
N GLY A 213 1.38 -22.25 -8.44
CA GLY A 213 1.08 -22.79 -7.13
C GLY A 213 1.61 -21.96 -5.98
N LYS A 214 2.09 -20.77 -6.28
CA LYS A 214 2.63 -19.87 -5.26
C LYS A 214 1.98 -18.50 -5.39
N TYR A 215 1.89 -17.76 -4.28
CA TYR A 215 1.28 -16.44 -4.30
C TYR A 215 2.23 -15.38 -3.75
N GLY A 216 1.84 -14.11 -3.90
CA GLY A 216 2.66 -13.04 -3.37
C GLY A 216 2.27 -12.87 -1.91
N ILE A 217 3.25 -12.64 -1.04
CA ILE A 217 2.97 -12.48 0.38
C ILE A 217 3.12 -11.02 0.78
N TYR A 218 2.14 -10.53 1.54
CA TYR A 218 2.09 -9.14 1.95
C TYR A 218 1.92 -8.97 3.44
N THR A 219 2.46 -7.86 3.96
CA THR A 219 2.29 -7.55 5.36
C THR A 219 0.86 -7.04 5.45
N LYS A 220 0.11 -7.55 6.43
CA LYS A 220 -1.28 -7.14 6.60
C LYS A 220 -1.31 -5.82 7.36
N VAL A 221 -1.61 -4.74 6.67
CA VAL A 221 -1.65 -3.42 7.29
C VAL A 221 -2.64 -3.32 8.45
N THR A 222 -3.81 -3.96 8.34
CA THR A 222 -4.81 -3.90 9.41
C THR A 222 -4.27 -4.40 10.74
N ALA A 223 -3.26 -5.27 10.67
CA ALA A 223 -2.67 -5.83 11.88
C ALA A 223 -1.76 -4.84 12.60
N PHE A 224 -1.44 -3.72 11.95
CA PHE A 224 -0.53 -2.73 12.52
C PHE A 224 -1.03 -1.28 12.53
N LEU A 225 -2.33 -1.10 12.36
CA LEU A 225 -2.88 0.25 12.33
C LEU A 225 -2.55 1.06 13.59
N LYS A 226 -2.68 0.43 14.76
CA LYS A 226 -2.36 1.12 16.00
C LYS A 226 -0.87 1.43 16.03
N TRP A 227 -0.07 0.48 15.59
CA TRP A 227 1.39 0.65 15.55
C TRP A 227 1.75 1.79 14.60
N ILE A 228 1.07 1.87 13.46
CA ILE A 228 1.33 2.91 12.48
C ILE A 228 0.94 4.29 13.02
N ASP A 229 -0.27 4.38 13.56
CA ASP A 229 -0.75 5.63 14.12
C ASP A 229 0.24 6.08 15.19
N ARG A 230 0.69 5.11 15.98
CA ARG A 230 1.63 5.37 17.06
C ARG A 230 2.96 5.89 16.50
N SER A 231 3.43 5.32 15.41
CA SER A 231 4.68 5.72 14.79
C SER A 231 4.60 7.10 14.14
N MET A 232 3.40 7.50 13.71
CA MET A 232 3.22 8.79 13.07
C MET A 232 3.04 9.93 14.07
N LYS A 233 3.46 9.69 15.31
CA LYS A 233 3.37 10.70 16.37
C LYS A 233 4.61 10.63 17.27
N THR A 234 5.75 10.31 16.67
CA THR A 234 7.01 10.21 17.39
C THR A 234 6.98 9.15 18.49
N ARG A 235 7.21 7.91 18.11
CA ARG A 235 7.22 6.80 19.06
C ARG A 235 7.43 5.47 18.33
N THR B 40 -37.74 -4.30 7.19
CA THR B 40 -36.35 -4.72 6.83
C THR B 40 -35.32 -3.98 7.67
N ARG B 41 -34.45 -4.73 8.33
CA ARG B 41 -33.42 -4.13 9.17
C ARG B 41 -32.06 -4.74 8.86
N LYS B 42 -31.06 -3.88 8.71
CA LYS B 42 -29.70 -4.29 8.41
C LYS B 42 -28.90 -3.00 8.36
N LEU B 43 -27.60 -3.06 8.65
CA LEU B 43 -26.79 -1.84 8.66
C LEU B 43 -25.53 -1.85 7.79
N CYS B 44 -24.37 -1.69 8.42
CA CYS B 44 -23.10 -1.66 7.70
C CYS B 44 -22.88 -2.83 6.76
N SER B 45 -23.62 -3.91 7.00
CA SER B 45 -23.51 -5.10 6.18
C SER B 45 -24.26 -4.90 4.87
N LEU B 46 -25.18 -3.94 4.87
CA LEU B 46 -25.98 -3.63 3.70
C LEU B 46 -25.36 -2.46 2.93
N ASP B 47 -24.70 -2.78 1.83
CA ASP B 47 -24.05 -1.77 1.00
C ASP B 47 -23.25 -0.77 1.83
N ASN B 48 -22.44 -1.29 2.75
CA ASN B 48 -21.62 -0.46 3.61
C ASN B 48 -22.43 0.61 4.34
N GLY B 49 -23.72 0.35 4.56
CA GLY B 49 -24.56 1.30 5.24
C GLY B 49 -24.73 2.60 4.47
N ASP B 50 -24.49 2.53 3.16
CA ASP B 50 -24.59 3.69 2.27
C ASP B 50 -23.53 4.73 2.60
N CYS B 51 -22.53 4.32 3.38
CA CYS B 51 -21.44 5.21 3.75
C CYS B 51 -20.41 5.24 2.62
N ASP B 52 -19.79 6.40 2.42
CA ASP B 52 -18.75 6.56 1.41
C ASP B 52 -17.51 5.77 1.87
N GLN B 53 -17.20 5.89 3.15
CA GLN B 53 -16.02 5.23 3.70
C GLN B 53 -16.31 4.36 4.93
N PHE B 54 -15.78 4.74 6.09
CA PHE B 54 -15.99 3.94 7.29
C PHE B 54 -17.44 3.86 7.74
N CYS B 55 -17.84 2.67 8.19
CA CYS B 55 -19.19 2.43 8.68
C CYS B 55 -19.11 1.70 10.02
N HIS B 56 -19.73 2.29 11.04
CA HIS B 56 -19.78 1.70 12.38
C HIS B 56 -21.22 1.64 12.84
N GLU B 57 -21.57 0.58 13.56
CA GLU B 57 -22.93 0.42 14.06
C GLU B 57 -22.97 0.74 15.55
N GLU B 58 -23.48 1.93 15.87
CA GLU B 58 -23.58 2.37 17.26
C GLU B 58 -25.04 2.43 17.70
N GLN B 59 -25.32 1.91 18.88
CA GLN B 59 -26.67 1.90 19.44
C GLN B 59 -27.56 0.93 18.67
N ASN B 60 -27.14 0.59 17.46
CA ASN B 60 -27.85 -0.31 16.54
C ASN B 60 -28.11 0.44 15.24
N SER B 61 -27.55 1.64 15.13
CA SER B 61 -27.73 2.47 13.95
C SER B 61 -26.42 2.66 13.18
N VAL B 62 -26.54 3.05 11.92
CA VAL B 62 -25.37 3.28 11.07
C VAL B 62 -24.76 4.63 11.37
N VAL B 63 -23.44 4.64 11.52
CA VAL B 63 -22.71 5.87 11.76
C VAL B 63 -21.53 5.86 10.79
N CYS B 64 -21.53 6.80 9.87
CA CYS B 64 -20.47 6.89 8.87
C CYS B 64 -19.37 7.83 9.33
N SER B 65 -18.14 7.55 8.91
CA SER B 65 -17.01 8.41 9.25
C SER B 65 -16.06 8.43 8.07
N CYS B 66 -15.07 9.33 8.11
CA CYS B 66 -14.14 9.45 7.00
C CYS B 66 -12.67 9.46 7.44
N ALA B 67 -11.78 9.21 6.50
CA ALA B 67 -10.35 9.23 6.78
C ALA B 67 -9.93 10.68 6.94
N ARG B 68 -8.69 10.88 7.36
CA ARG B 68 -8.18 12.23 7.54
C ARG B 68 -8.12 12.91 6.18
N GLY B 69 -8.46 14.19 6.15
CA GLY B 69 -8.42 14.92 4.89
C GLY B 69 -9.81 15.05 4.28
N TYR B 70 -10.79 14.43 4.92
CA TYR B 70 -12.18 14.46 4.47
C TYR B 70 -13.07 14.89 5.61
N THR B 71 -14.20 15.47 5.27
CA THR B 71 -15.18 15.88 6.26
C THR B 71 -16.47 15.14 5.93
N LEU B 72 -17.18 14.68 6.96
CA LEU B 72 -18.43 13.98 6.76
C LEU B 72 -19.43 15.00 6.24
N ALA B 73 -20.08 14.68 5.12
CA ALA B 73 -21.05 15.57 4.52
C ALA B 73 -22.28 15.76 5.40
N ASP B 74 -23.11 16.74 5.06
CA ASP B 74 -24.32 17.02 5.82
C ASP B 74 -25.29 15.83 5.85
N ASN B 75 -25.31 15.02 4.80
CA ASN B 75 -26.21 13.87 4.79
C ASN B 75 -25.69 12.76 5.69
N GLY B 76 -24.56 13.03 6.35
CA GLY B 76 -23.98 12.05 7.25
C GLY B 76 -23.51 10.77 6.60
N LYS B 77 -23.30 10.80 5.28
CA LYS B 77 -22.86 9.60 4.56
C LYS B 77 -21.65 9.83 3.66
N ALA B 78 -21.70 10.89 2.86
CA ALA B 78 -20.62 11.19 1.93
C ALA B 78 -19.41 11.81 2.62
N CYS B 79 -18.24 11.61 2.03
CA CYS B 79 -17.01 12.18 2.56
C CYS B 79 -16.53 13.24 1.58
N ILE B 80 -16.45 14.48 2.06
CA ILE B 80 -16.02 15.60 1.24
C ILE B 80 -14.55 15.92 1.44
N PRO B 81 -13.76 15.96 0.35
CA PRO B 81 -12.33 16.27 0.47
C PRO B 81 -12.14 17.69 0.98
N THR B 82 -11.14 17.89 1.84
CA THR B 82 -10.88 19.21 2.37
C THR B 82 -9.88 19.96 1.49
N GLY B 83 -9.13 19.22 0.69
CA GLY B 83 -8.13 19.84 -0.18
C GLY B 83 -8.10 19.24 -1.57
N PRO B 84 -7.22 19.72 -2.47
CA PRO B 84 -7.08 19.24 -3.85
C PRO B 84 -6.48 17.85 -4.00
N TYR B 85 -5.83 17.35 -2.96
CA TYR B 85 -5.21 16.03 -3.02
C TYR B 85 -5.54 15.15 -1.83
N PRO B 86 -6.84 14.82 -1.66
CA PRO B 86 -7.27 13.97 -0.55
C PRO B 86 -6.67 12.57 -0.71
N CYS B 87 -6.49 11.86 0.40
CA CYS B 87 -5.92 10.52 0.34
C CYS B 87 -6.80 9.58 -0.48
N GLY B 88 -6.16 8.59 -1.08
CA GLY B 88 -6.88 7.59 -1.85
C GLY B 88 -7.48 7.98 -3.18
N LYS B 89 -7.24 9.20 -3.65
CA LYS B 89 -7.80 9.59 -4.94
C LYS B 89 -6.74 9.67 -6.02
N GLN B 90 -6.97 9.00 -7.14
CA GLN B 90 -6.02 9.08 -8.23
C GLN B 90 -6.03 10.53 -8.71
N THR B 91 -4.88 11.03 -9.16
CA THR B 91 -4.81 12.40 -9.65
C THR B 91 -4.90 12.34 -11.17
N LEU B 92 -6.13 12.23 -11.69
CA LEU B 92 -6.33 12.15 -13.12
C LEU B 92 -6.89 13.44 -13.70
N GLU B 93 -6.79 13.59 -15.01
CA GLU B 93 -7.28 14.79 -15.68
C GLU B 93 -7.89 14.46 -17.04
N ARG B 94 -7.49 13.33 -17.60
CA ARG B 94 -7.99 12.90 -18.91
C ARG B 94 -7.58 11.46 -19.22
#